data_1GPP
#
_entry.id   1GPP
#
_cell.length_a   102.856
_cell.length_b   47.595
_cell.length_c   60.297
_cell.angle_alpha   90.00
_cell.angle_beta   121.41
_cell.angle_gamma   90.00
#
_symmetry.space_group_name_H-M   'C 1 2 1'
#
loop_
_entity.id
_entity.type
_entity.pdbx_description
1 polymer 'ENDONUCLEASE PI-SCEI'
2 water water
#
_entity_poly.entity_id   1
_entity_poly.type   'polypeptide(L)'
_entity_poly.pdbx_seq_one_letter_code
;MHHHHHHGSACFAKGTNVLMADGSIECIENIEVGNKVMGKDGRPREVIKLPRGSETMYSVVQKSQHRAHKSDSSREMPEL
LKFTCNATHELVVRTPRSVRRLSRTIKGVEYFEVITFEMGQKKAPDGRIVELVKEVSKSYPVSEGPERANELVESYRKAS
NKAYFEWTIEARDLSLLGSHVRKATYQTYAPIGAAFARECRGFYFELQELKEDDYYGITLSDDSDHQFLLANQVVVH
;
_entity_poly.pdbx_strand_id   A
#
# COMPACT_ATOMS: atom_id res chain seq x y z
N SER A 9 -14.49 7.39 4.22
CA SER A 9 -13.41 6.43 3.78
C SER A 9 -11.89 6.72 4.05
N ALA A 10 -11.29 7.91 3.82
CA ALA A 10 -9.92 8.19 4.36
C ALA A 10 -10.03 8.94 5.71
N CYS A 11 -9.44 8.37 6.74
CA CYS A 11 -9.61 8.84 8.12
C CYS A 11 -8.32 9.05 8.86
N PHE A 12 -8.20 10.26 9.37
CA PHE A 12 -6.93 10.74 9.92
C PHE A 12 -7.09 11.40 11.26
N ALA A 13 -5.97 11.58 11.92
CA ALA A 13 -5.92 12.38 13.15
C ALA A 13 -6.23 13.82 12.83
N LYS A 14 -6.75 14.54 13.83
CA LYS A 14 -6.97 15.97 13.73
C LYS A 14 -5.68 16.66 13.34
N GLY A 15 -5.81 17.68 12.49
CA GLY A 15 -4.68 18.46 12.08
C GLY A 15 -3.93 17.94 10.88
N THR A 16 -4.26 16.73 10.41
CA THR A 16 -3.60 16.20 9.26
C THR A 16 -3.84 17.14 8.07
N ASN A 17 -2.76 17.58 7.46
CA ASN A 17 -2.82 18.52 6.37
C ASN A 17 -2.98 17.78 5.04
N VAL A 18 -4.01 18.19 4.33
CA VAL A 18 -4.38 17.60 3.04
C VAL A 18 -4.11 18.64 1.91
N LEU A 19 -3.67 18.16 0.76
CA LEU A 19 -3.43 19.01 -0.40
C LEU A 19 -4.76 19.16 -1.15
N MET A 20 -5.19 20.40 -1.29
CA MET A 20 -6.44 20.72 -1.97
C MET A 20 -6.16 20.86 -3.47
N ALA A 21 -7.22 20.80 -4.28
CA ALA A 21 -7.08 20.82 -5.73
C ALA A 21 -6.49 22.10 -6.24
N ASP A 22 -6.68 23.20 -5.51
CA ASP A 22 -6.11 24.48 -5.86
C ASP A 22 -4.66 24.71 -5.43
N GLY A 23 -4.05 23.67 -4.86
CA GLY A 23 -2.67 23.77 -4.43
C GLY A 23 -2.44 24.22 -2.97
N SER A 24 -3.49 24.72 -2.35
CA SER A 24 -3.39 25.10 -0.95
C SER A 24 -3.61 23.87 -0.09
N ILE A 25 -3.28 24.01 1.19
CA ILE A 25 -3.58 22.97 2.14
C ILE A 25 -4.79 23.27 2.99
N GLU A 26 -5.39 22.22 3.55
CA GLU A 26 -6.41 22.37 4.56
C GLU A 26 -6.21 21.28 5.61
N CYS A 27 -6.45 21.58 6.87
CA CYS A 27 -6.51 20.58 7.86
C CYS A 27 -7.76 19.72 7.64
N ILE A 28 -7.59 18.44 7.89
CA ILE A 28 -8.67 17.48 7.60
C ILE A 28 -9.99 17.89 8.22
N GLU A 29 -9.96 18.41 9.44
CA GLU A 29 -11.18 18.76 10.15
C GLU A 29 -11.90 19.96 9.54
N ASN A 30 -11.23 20.72 8.69
CA ASN A 30 -11.84 21.87 8.09
C ASN A 30 -12.34 21.66 6.67
N ILE A 31 -12.15 20.46 6.15
CA ILE A 31 -12.65 20.16 4.81
C ILE A 31 -14.17 20.00 4.91
N GLU A 32 -14.86 20.50 3.90
CA GLU A 32 -16.32 20.45 3.87
C GLU A 32 -16.78 19.70 2.64
N VAL A 33 -18.04 19.24 2.67
CA VAL A 33 -18.66 18.59 1.55
C VAL A 33 -18.66 19.58 0.40
N GLY A 34 -18.31 19.10 -0.78
CA GLY A 34 -18.18 19.94 -1.96
C GLY A 34 -16.79 20.43 -2.27
N ASN A 35 -15.95 20.49 -1.22
CA ASN A 35 -14.57 20.87 -1.47
C ASN A 35 -13.87 19.87 -2.41
N LYS A 36 -12.81 20.31 -3.04
CA LYS A 36 -12.07 19.48 -3.97
C LYS A 36 -10.63 19.29 -3.48
N VAL A 37 -10.26 18.04 -3.27
CA VAL A 37 -8.91 17.69 -2.86
C VAL A 37 -8.09 17.38 -4.07
N MET A 38 -6.76 17.37 -3.92
CA MET A 38 -5.85 17.09 -5.01
C MET A 38 -5.76 15.58 -5.23
N GLY A 39 -6.22 15.11 -6.37
CA GLY A 39 -6.07 13.72 -6.74
C GLY A 39 -4.63 13.39 -6.98
N LYS A 40 -4.34 12.10 -6.98
CA LYS A 40 -2.98 11.65 -7.15
C LYS A 40 -2.39 11.94 -8.53
N ASP A 41 -3.25 12.20 -9.50
CA ASP A 41 -2.88 12.57 -10.84
C ASP A 41 -2.91 14.05 -11.06
N GLY A 42 -3.10 14.82 -9.98
CA GLY A 42 -3.12 16.26 -10.11
C GLY A 42 -4.45 16.85 -10.43
N ARG A 43 -5.45 16.01 -10.63
CA ARG A 43 -6.80 16.48 -10.94
C ARG A 43 -7.71 16.45 -9.73
N PRO A 44 -8.77 17.25 -9.75
CA PRO A 44 -9.60 17.34 -8.56
C PRO A 44 -10.38 16.08 -8.21
N ARG A 45 -10.67 15.94 -6.94
CA ARG A 45 -11.55 14.94 -6.38
C ARG A 45 -12.53 15.61 -5.43
N GLU A 46 -13.81 15.29 -5.53
CA GLU A 46 -14.84 15.93 -4.77
C GLU A 46 -15.23 15.17 -3.53
N VAL A 47 -15.29 15.89 -2.40
CA VAL A 47 -15.67 15.35 -1.14
C VAL A 47 -17.19 15.33 -1.06
N ILE A 48 -17.73 14.17 -0.70
CA ILE A 48 -19.19 14.01 -0.59
C ILE A 48 -19.67 13.67 0.80
N LYS A 49 -18.78 13.37 1.72
CA LYS A 49 -19.18 13.01 3.07
C LYS A 49 -18.01 13.21 4.03
N LEU A 50 -18.34 13.50 5.28
CA LEU A 50 -17.38 13.75 6.36
C LEU A 50 -17.52 12.77 7.52
N PRO A 51 -17.17 11.52 7.30
CA PRO A 51 -17.27 10.57 8.40
C PRO A 51 -16.31 10.91 9.54
N ARG A 52 -16.81 10.79 10.76
CA ARG A 52 -16.10 11.08 11.96
C ARG A 52 -16.44 10.10 13.06
N GLY A 53 -15.56 9.96 14.02
CA GLY A 53 -15.80 9.10 15.14
C GLY A 53 -14.56 8.92 15.97
N SER A 54 -14.51 7.84 16.72
CA SER A 54 -13.37 7.50 17.55
C SER A 54 -12.89 6.09 17.19
N GLU A 55 -11.57 5.89 17.18
CA GLU A 55 -11.01 4.61 16.79
C GLU A 55 -9.60 4.53 17.24
N THR A 56 -9.10 3.33 17.47
CA THR A 56 -7.68 3.09 17.66
C THR A 56 -6.96 3.68 16.45
N MET A 57 -5.86 4.39 16.72
CA MET A 57 -5.10 5.06 15.66
C MET A 57 -3.77 4.37 15.44
N TYR A 58 -3.16 4.64 14.28
CA TYR A 58 -1.84 4.13 13.90
C TYR A 58 -0.98 5.26 13.33
N SER A 59 0.28 5.32 13.75
CA SER A 59 1.28 6.23 13.21
C SER A 59 2.07 5.55 12.09
N VAL A 60 2.15 6.22 10.94
CA VAL A 60 2.91 5.79 9.81
C VAL A 60 4.15 6.72 9.73
N VAL A 61 5.33 6.12 9.71
CA VAL A 61 6.57 6.92 9.61
C VAL A 61 7.47 6.26 8.57
N GLN A 62 7.94 7.04 7.61
CA GLN A 62 8.88 6.57 6.62
C GLN A 62 10.12 5.98 7.34
N LYS A 63 10.64 4.89 6.80
CA LYS A 63 11.89 4.38 7.30
C LYS A 63 12.83 4.63 6.14
N SER A 64 13.81 5.47 6.39
CA SER A 64 14.87 5.80 5.40
C SER A 64 15.65 4.63 4.82
N MET A 77 17.92 12.63 4.23
CA MET A 77 18.28 14.02 4.38
C MET A 77 17.02 14.88 4.40
N PRO A 78 16.13 14.60 3.48
CA PRO A 78 14.81 15.22 3.49
C PRO A 78 14.08 14.70 4.69
N GLU A 79 13.07 15.43 5.12
CA GLU A 79 12.31 15.02 6.28
C GLU A 79 11.54 13.74 5.95
N LEU A 80 11.41 12.88 6.93
CA LEU A 80 10.65 11.65 6.79
C LEU A 80 9.16 11.96 6.63
N LEU A 81 8.52 11.19 5.74
CA LEU A 81 7.10 11.32 5.50
C LEU A 81 6.32 10.58 6.56
N LYS A 82 5.24 11.20 7.03
CA LYS A 82 4.45 10.67 8.13
C LYS A 82 3.00 11.04 7.98
N PHE A 83 2.13 10.22 8.59
CA PHE A 83 0.73 10.56 8.82
C PHE A 83 0.19 9.61 9.91
N THR A 84 -0.91 9.98 10.50
CA THR A 84 -1.59 9.18 11.51
C THR A 84 -3.03 8.95 11.08
N CYS A 85 -3.38 7.66 11.07
CA CYS A 85 -4.70 7.25 10.53
C CYS A 85 -5.40 6.32 11.50
N ASN A 86 -6.66 6.04 11.26
CA ASN A 86 -7.30 5.06 12.13
C ASN A 86 -6.99 3.60 11.71
N ALA A 87 -7.35 2.67 12.57
CA ALA A 87 -7.02 1.27 12.39
C ALA A 87 -7.56 0.67 11.11
N THR A 88 -8.75 1.11 10.72
CA THR A 88 -9.40 0.59 9.52
C THR A 88 -9.14 1.38 8.26
N HIS A 89 -8.31 2.44 8.39
CA HIS A 89 -7.92 3.20 7.23
C HIS A 89 -7.07 2.32 6.31
N GLU A 90 -7.35 2.36 5.00
CA GLU A 90 -6.64 1.52 4.06
C GLU A 90 -5.41 2.27 3.47
N LEU A 91 -4.27 1.68 3.72
CA LEU A 91 -3.00 2.14 3.14
C LEU A 91 -2.99 1.78 1.67
N VAL A 92 -2.51 2.68 0.80
CA VAL A 92 -2.36 2.46 -0.63
C VAL A 92 -0.92 1.97 -0.80
N VAL A 93 -0.78 0.68 -1.12
CA VAL A 93 0.53 0.08 -1.14
C VAL A 93 0.86 -0.59 -2.46
N ARG A 94 2.14 -0.80 -2.64
CA ARG A 94 2.65 -1.60 -3.76
C ARG A 94 3.63 -2.63 -3.22
N THR A 95 3.70 -3.75 -3.92
CA THR A 95 4.66 -4.78 -3.63
C THR A 95 5.17 -5.30 -4.98
N PRO A 96 6.49 -5.46 -5.14
CA PRO A 96 6.98 -6.02 -6.39
C PRO A 96 6.48 -7.44 -6.57
N ARG A 97 6.31 -7.81 -7.84
CA ARG A 97 6.05 -9.19 -8.21
C ARG A 97 7.38 -9.98 -8.12
N SER A 98 7.85 -10.25 -6.92
CA SER A 98 9.12 -10.85 -6.73
C SER A 98 9.12 -12.33 -7.09
N VAL A 99 10.19 -12.71 -7.76
CA VAL A 99 10.47 -14.09 -8.04
C VAL A 99 11.88 -14.36 -7.63
N ARG A 100 12.03 -15.43 -6.86
CA ARG A 100 13.29 -15.84 -6.36
C ARG A 100 13.58 -17.27 -6.62
N ARG A 101 14.86 -17.50 -6.73
CA ARG A 101 15.37 -18.82 -7.01
C ARG A 101 16.19 -19.27 -5.84
N LEU A 102 15.99 -20.50 -5.42
CA LEU A 102 16.75 -21.07 -4.33
C LEU A 102 17.11 -22.52 -4.65
N SER A 103 18.26 -22.95 -4.18
CA SER A 103 18.71 -24.33 -4.31
C SER A 103 18.55 -24.93 -2.94
N ARG A 104 17.72 -25.95 -2.81
CA ARG A 104 17.53 -26.63 -1.55
C ARG A 104 17.58 -28.11 -1.85
N THR A 105 17.92 -28.86 -0.83
CA THR A 105 17.97 -30.33 -0.90
C THR A 105 17.11 -30.87 0.18
N ILE A 106 16.16 -31.72 -0.18
CA ILE A 106 15.30 -32.32 0.80
C ILE A 106 15.36 -33.81 0.55
N LYS A 107 15.68 -34.58 1.59
CA LYS A 107 15.69 -36.01 1.50
C LYS A 107 16.55 -36.49 0.32
N GLY A 108 17.71 -35.86 0.15
CA GLY A 108 18.67 -36.34 -0.80
C GLY A 108 18.39 -35.92 -2.22
N VAL A 109 17.31 -35.17 -2.45
CA VAL A 109 16.99 -34.73 -3.80
C VAL A 109 17.20 -33.19 -3.86
N GLU A 110 18.04 -32.76 -4.80
CA GLU A 110 18.27 -31.33 -5.01
C GLU A 110 17.20 -30.74 -5.88
N TYR A 111 16.70 -29.58 -5.49
CA TYR A 111 15.65 -28.85 -6.16
C TYR A 111 16.05 -27.45 -6.59
N PHE A 112 15.42 -27.05 -7.69
CA PHE A 112 15.24 -25.65 -8.02
C PHE A 112 13.90 -25.25 -7.37
N GLU A 113 13.96 -24.40 -6.34
CA GLU A 113 12.78 -23.89 -5.71
C GLU A 113 12.51 -22.51 -6.27
N VAL A 114 11.30 -22.27 -6.73
CA VAL A 114 10.91 -20.98 -7.25
C VAL A 114 9.84 -20.42 -6.35
N ILE A 115 10.18 -19.28 -5.74
CA ILE A 115 9.29 -18.62 -4.81
C ILE A 115 8.81 -17.31 -5.43
N THR A 116 7.49 -17.15 -5.51
CA THR A 116 6.89 -16.00 -6.11
C THR A 116 5.96 -15.33 -5.12
N PHE A 117 5.68 -14.06 -5.37
CA PHE A 117 4.67 -13.34 -4.62
C PHE A 117 3.37 -13.43 -5.42
N GLU A 118 2.27 -13.78 -4.78
CA GLU A 118 0.97 -13.85 -5.41
C GLU A 118 -0.11 -13.26 -4.52
N MET A 119 -1.15 -12.73 -5.13
CA MET A 119 -2.30 -12.29 -4.39
C MET A 119 -3.07 -13.49 -3.87
N GLY A 120 -3.32 -13.50 -2.58
CA GLY A 120 -4.10 -14.53 -1.95
C GLY A 120 -4.85 -13.94 -0.77
N GLN A 121 -5.10 -14.79 0.20
CA GLN A 121 -5.83 -14.33 1.34
C GLN A 121 -5.38 -15.06 2.58
N LYS A 122 -5.66 -14.40 3.70
CA LYS A 122 -5.26 -14.88 5.00
C LYS A 122 -6.37 -14.49 5.96
N LYS A 123 -6.66 -15.39 6.89
CA LYS A 123 -7.62 -15.10 7.95
C LYS A 123 -6.88 -14.38 9.08
N ALA A 124 -7.36 -13.22 9.46
CA ALA A 124 -6.84 -12.51 10.59
C ALA A 124 -7.21 -13.27 11.87
N PRO A 125 -6.56 -12.96 12.98
CA PRO A 125 -6.90 -13.64 14.26
C PRO A 125 -8.36 -13.56 14.62
N ASP A 126 -9.03 -12.47 14.21
CA ASP A 126 -10.47 -12.32 14.48
C ASP A 126 -11.36 -13.03 13.49
N GLY A 127 -10.81 -13.70 12.49
CA GLY A 127 -11.59 -14.41 11.50
C GLY A 127 -11.83 -13.71 10.18
N ARG A 128 -11.56 -12.40 10.11
CA ARG A 128 -11.76 -11.72 8.85
C ARG A 128 -10.81 -12.25 7.80
N ILE A 129 -11.34 -12.48 6.60
CA ILE A 129 -10.52 -12.88 5.45
C ILE A 129 -10.00 -11.63 4.73
N VAL A 130 -8.67 -11.48 4.76
CA VAL A 130 -8.00 -10.35 4.18
C VAL A 130 -7.28 -10.77 2.92
N GLU A 131 -7.48 -10.01 1.86
CA GLU A 131 -6.81 -10.21 0.60
C GLU A 131 -5.43 -9.51 0.72
N LEU A 132 -4.38 -10.24 0.44
CA LEU A 132 -3.01 -9.68 0.56
C LEU A 132 -2.03 -10.45 -0.31
N VAL A 133 -0.84 -9.97 -0.41
CA VAL A 133 0.19 -10.61 -1.18
C VAL A 133 0.92 -11.60 -0.25
N LYS A 134 1.19 -12.80 -0.77
CA LYS A 134 1.88 -13.85 -0.03
C LYS A 134 2.87 -14.62 -0.89
N GLU A 135 3.81 -15.29 -0.25
CA GLU A 135 4.74 -16.15 -0.91
C GLU A 135 4.14 -17.50 -1.25
N VAL A 136 4.45 -17.95 -2.45
CA VAL A 136 4.09 -19.30 -2.94
C VAL A 136 5.38 -19.93 -3.44
N SER A 137 5.49 -21.25 -3.29
CA SER A 137 6.67 -21.96 -3.69
C SER A 137 6.34 -23.20 -4.52
N LYS A 138 7.13 -23.42 -5.55
CA LYS A 138 7.09 -24.64 -6.35
C LYS A 138 8.49 -25.15 -6.50
N SER A 139 8.68 -26.47 -6.47
CA SER A 139 10.02 -27.07 -6.57
C SER A 139 10.11 -28.03 -7.76
N TYR A 140 11.26 -28.02 -8.43
CA TYR A 140 11.50 -28.80 -9.60
C TYR A 140 12.82 -29.55 -9.42
N PRO A 141 12.88 -30.86 -9.61
CA PRO A 141 14.13 -31.53 -9.36
C PRO A 141 15.26 -31.08 -10.28
N VAL A 142 16.45 -30.87 -9.71
CA VAL A 142 17.59 -30.47 -10.56
C VAL A 142 17.88 -31.53 -11.61
N SER A 143 17.66 -32.80 -11.29
CA SER A 143 17.92 -33.88 -12.22
C SER A 143 17.12 -33.76 -13.50
N GLU A 144 16.00 -33.08 -13.44
CA GLU A 144 15.11 -32.95 -14.58
C GLU A 144 15.52 -31.80 -15.54
N GLY A 145 16.52 -31.06 -15.16
CA GLY A 145 17.00 -29.93 -15.94
C GLY A 145 16.36 -28.63 -15.50
N PRO A 146 16.97 -27.50 -15.87
CA PRO A 146 16.49 -26.19 -15.44
C PRO A 146 15.29 -25.65 -16.21
N GLU A 147 14.90 -26.30 -17.28
CA GLU A 147 13.88 -25.70 -18.12
C GLU A 147 12.54 -25.47 -17.51
N ARG A 148 12.00 -26.42 -16.76
CA ARG A 148 10.67 -26.24 -16.24
C ARG A 148 10.64 -25.12 -15.20
N ALA A 149 11.66 -25.01 -14.37
CA ALA A 149 11.72 -23.92 -13.41
C ALA A 149 11.88 -22.55 -14.13
N ASN A 150 12.70 -22.56 -15.17
CA ASN A 150 12.86 -21.32 -15.96
C ASN A 150 11.55 -20.90 -16.61
N GLU A 151 10.79 -21.87 -17.09
CA GLU A 151 9.48 -21.62 -17.72
C GLU A 151 8.48 -21.05 -16.73
N LEU A 152 8.52 -21.49 -15.47
CA LEU A 152 7.63 -20.92 -14.48
C LEU A 152 7.98 -19.45 -14.25
N VAL A 153 9.27 -19.16 -14.14
CA VAL A 153 9.71 -17.77 -13.94
C VAL A 153 9.21 -16.91 -15.09
N GLU A 154 9.36 -17.43 -16.31
CA GLU A 154 8.92 -16.67 -17.51
C GLU A 154 7.44 -16.49 -17.53
N SER A 155 6.65 -17.51 -17.21
CA SER A 155 5.18 -17.41 -17.21
C SER A 155 4.70 -16.41 -16.14
N TYR A 156 5.37 -16.43 -15.01
CA TYR A 156 5.05 -15.51 -13.94
C TYR A 156 5.39 -14.06 -14.34
N ARG A 157 6.58 -13.85 -14.91
CA ARG A 157 6.98 -12.50 -15.36
C ARG A 157 6.09 -11.95 -16.44
N LYS A 158 5.33 -12.79 -17.14
CA LYS A 158 4.50 -12.32 -18.24
C LYS A 158 3.00 -12.32 -17.94
N ALA A 159 2.60 -12.84 -16.78
CA ALA A 159 1.18 -12.98 -16.44
C ALA A 159 0.47 -11.66 -16.09
N SER A 160 1.24 -10.62 -15.88
CA SER A 160 0.71 -9.33 -15.50
C SER A 160 1.35 -8.26 -16.32
N ASN A 161 0.59 -7.22 -16.59
CA ASN A 161 1.15 -6.15 -17.38
C ASN A 161 2.01 -5.23 -16.51
N LYS A 162 1.77 -5.17 -15.20
CA LYS A 162 2.62 -4.35 -14.29
C LYS A 162 3.60 -5.25 -13.54
N ALA A 163 4.75 -4.70 -13.16
CA ALA A 163 5.77 -5.39 -12.42
C ALA A 163 5.60 -5.41 -10.88
N TYR A 164 4.52 -4.80 -10.41
CA TYR A 164 4.18 -4.76 -8.98
C TYR A 164 2.69 -5.00 -8.87
N PHE A 165 2.28 -5.39 -7.67
CA PHE A 165 0.90 -5.40 -7.26
C PHE A 165 0.60 -4.01 -6.71
N GLU A 166 -0.58 -3.50 -7.08
CA GLU A 166 -1.08 -2.21 -6.61
C GLU A 166 -2.33 -2.59 -5.79
N TRP A 167 -2.31 -2.40 -4.46
CA TRP A 167 -3.32 -2.96 -3.62
C TRP A 167 -3.49 -2.13 -2.35
N THR A 168 -4.39 -2.56 -1.48
CA THR A 168 -4.67 -1.81 -0.30
C THR A 168 -4.83 -2.71 0.90
N ILE A 169 -4.54 -2.21 2.09
CA ILE A 169 -4.59 -2.99 3.31
C ILE A 169 -4.89 -2.08 4.50
N GLU A 170 -5.83 -2.47 5.34
CA GLU A 170 -6.10 -1.69 6.56
C GLU A 170 -4.84 -1.64 7.41
N ALA A 171 -4.65 -0.49 8.07
CA ALA A 171 -3.49 -0.35 8.89
C ALA A 171 -3.35 -1.49 9.89
N ARG A 172 -4.47 -1.86 10.53
CA ARG A 172 -4.41 -2.92 11.56
C ARG A 172 -4.07 -4.31 11.00
N ASP A 173 -4.20 -4.48 9.69
CA ASP A 173 -3.92 -5.75 9.08
C ASP A 173 -2.54 -5.88 8.43
N LEU A 174 -1.75 -4.82 8.44
CA LEU A 174 -0.40 -4.90 7.85
C LEU A 174 0.48 -5.94 8.52
N SER A 175 0.25 -6.17 9.81
CA SER A 175 0.96 -7.18 10.57
C SER A 175 0.69 -8.61 10.12
N LEU A 176 -0.34 -8.79 9.28
CA LEU A 176 -0.64 -10.11 8.74
C LEU A 176 0.34 -10.55 7.64
N LEU A 177 1.07 -9.62 7.03
CA LEU A 177 2.03 -9.95 5.99
C LEU A 177 3.20 -10.76 6.54
N GLY A 178 3.68 -11.71 5.75
CA GLY A 178 4.90 -12.43 6.08
C GLY A 178 6.09 -11.49 5.92
N SER A 179 7.20 -11.93 6.48
CA SER A 179 8.36 -11.04 6.59
C SER A 179 8.87 -10.55 5.25
N HIS A 180 9.05 -11.44 4.28
CA HIS A 180 9.58 -11.00 2.99
C HIS A 180 8.64 -10.04 2.27
N VAL A 181 7.36 -10.39 2.24
CA VAL A 181 6.40 -9.52 1.57
C VAL A 181 6.32 -8.18 2.31
N ARG A 182 6.29 -8.21 3.64
CA ARG A 182 6.18 -6.97 4.40
C ARG A 182 7.35 -6.03 4.11
N LYS A 183 8.53 -6.60 4.12
CA LYS A 183 9.71 -5.76 3.91
C LYS A 183 9.74 -5.12 2.54
N ALA A 184 9.21 -5.81 1.55
CA ALA A 184 9.15 -5.36 0.18
C ALA A 184 8.01 -4.37 -0.14
N THR A 185 7.05 -4.26 0.77
CA THR A 185 5.89 -3.43 0.54
C THR A 185 6.17 -1.95 0.83
N TYR A 186 5.69 -1.06 -0.04
CA TYR A 186 5.96 0.35 0.11
C TYR A 186 4.69 1.16 -0.14
N GLN A 187 4.71 2.42 0.34
CA GLN A 187 3.73 3.40 -0.02
C GLN A 187 4.35 4.33 -1.07
N THR A 188 3.58 5.29 -1.57
CA THR A 188 4.06 6.17 -2.58
C THR A 188 3.72 7.63 -2.31
N TYR A 189 4.53 8.53 -2.85
CA TYR A 189 4.22 9.93 -2.85
C TYR A 189 4.36 10.39 -4.31
N ALA A 190 3.74 11.54 -4.63
CA ALA A 190 3.58 11.96 -6.02
C ALA A 190 4.00 13.40 -6.24
N PRO A 191 5.31 13.59 -6.34
CA PRO A 191 5.82 14.90 -6.61
C PRO A 191 5.60 15.32 -8.06
N ILE A 192 5.73 16.61 -8.33
CA ILE A 192 5.64 17.10 -9.67
C ILE A 192 7.02 17.01 -10.34
N GLY A 193 6.98 16.34 -11.57
CA GLY A 193 8.28 16.14 -12.19
C GLY A 193 8.51 17.14 -13.32
N ALA A 194 9.38 16.77 -14.22
CA ALA A 194 9.72 17.56 -15.35
C ALA A 194 8.49 17.39 -16.27
N ALA A 195 8.33 18.18 -17.27
CA ALA A 195 7.12 17.95 -18.09
C ALA A 195 5.74 18.10 -17.37
N PHE A 196 5.75 18.73 -16.20
CA PHE A 196 4.53 19.07 -15.47
C PHE A 196 3.55 17.92 -15.11
N ALA A 197 3.94 16.64 -15.21
CA ALA A 197 3.05 15.55 -14.75
C ALA A 197 3.57 15.09 -13.40
N ARG A 198 2.68 14.50 -12.66
CA ARG A 198 3.02 13.88 -11.39
C ARG A 198 3.82 12.61 -11.64
N GLU A 199 4.81 12.39 -10.83
CA GLU A 199 5.61 11.19 -10.84
C GLU A 199 5.15 10.41 -9.64
N CYS A 200 5.63 9.22 -9.49
CA CYS A 200 5.24 8.36 -8.41
C CYS A 200 6.51 7.80 -7.85
N ARG A 201 6.77 8.01 -6.56
CA ARG A 201 7.98 7.56 -5.91
C ARG A 201 7.65 6.78 -4.66
N GLY A 202 8.35 5.66 -4.47
CA GLY A 202 8.07 4.80 -3.34
C GLY A 202 8.82 5.12 -2.08
N PHE A 203 8.28 4.70 -0.96
CA PHE A 203 8.93 4.82 0.32
C PHE A 203 8.52 3.66 1.24
N TYR A 204 9.52 3.14 1.93
CA TYR A 204 9.32 2.12 2.94
C TYR A 204 8.93 2.82 4.23
N PHE A 205 8.22 2.12 5.09
CA PHE A 205 7.65 2.74 6.25
C PHE A 205 7.48 1.75 7.42
N GLU A 206 7.21 2.29 8.60
CA GLU A 206 6.90 1.54 9.79
C GLU A 206 5.56 2.03 10.36
N LEU A 207 4.77 1.13 10.93
CA LEU A 207 3.53 1.45 11.65
C LEU A 207 3.62 1.21 13.13
N GLN A 208 3.03 2.07 13.93
CA GLN A 208 2.90 1.90 15.39
C GLN A 208 1.44 2.08 15.82
N GLU A 209 0.91 1.08 16.50
CA GLU A 209 -0.43 1.15 17.05
C GLU A 209 -0.44 2.06 18.24
N LEU A 210 -1.36 3.00 18.21
CA LEU A 210 -1.55 3.97 19.27
C LEU A 210 -2.79 3.52 20.05
N LYS A 211 -3.40 4.43 20.76
CA LYS A 211 -4.66 4.21 21.46
C LYS A 211 -5.76 4.96 20.70
N GLU A 212 -6.96 4.92 21.19
CA GLU A 212 -8.09 5.55 20.54
C GLU A 212 -8.02 7.08 20.57
N ASP A 213 -8.47 7.72 19.51
CA ASP A 213 -8.58 9.15 19.48
CA ASP A 213 -8.52 9.15 19.45
C ASP A 213 -9.69 9.46 18.49
N ASP A 214 -10.08 10.70 18.38
CA ASP A 214 -11.07 11.09 17.41
C ASP A 214 -10.40 11.05 16.03
N TYR A 215 -11.16 10.65 15.04
CA TYR A 215 -10.71 10.71 13.67
C TYR A 215 -11.62 11.58 12.85
N TYR A 216 -11.05 12.07 11.75
CA TYR A 216 -11.72 12.94 10.85
C TYR A 216 -11.50 12.37 9.49
N GLY A 217 -12.61 12.05 8.81
CA GLY A 217 -12.56 11.40 7.53
C GLY A 217 -13.22 12.17 6.41
N ILE A 218 -12.82 11.81 5.18
CA ILE A 218 -13.53 12.29 4.03
C ILE A 218 -13.84 11.12 3.11
N THR A 219 -15.00 11.20 2.47
CA THR A 219 -15.38 10.26 1.41
C THR A 219 -15.43 11.04 0.13
N LEU A 220 -14.82 10.48 -0.90
CA LEU A 220 -14.78 11.06 -2.21
C LEU A 220 -15.85 10.45 -3.14
N SER A 221 -16.18 11.23 -4.15
CA SER A 221 -17.19 10.80 -5.14
C SER A 221 -16.74 9.60 -5.93
N ASP A 222 -17.69 8.88 -6.51
CA ASP A 222 -17.34 7.76 -7.39
C ASP A 222 -17.04 8.21 -8.85
N ASP A 223 -16.94 9.53 -9.13
CA ASP A 223 -16.63 10.01 -10.50
C ASP A 223 -15.23 9.70 -11.02
N SER A 224 -14.29 9.44 -10.09
CA SER A 224 -12.90 9.15 -10.40
C SER A 224 -12.44 8.22 -9.32
N ASP A 225 -11.17 7.83 -9.34
CA ASP A 225 -10.67 6.99 -8.26
C ASP A 225 -10.66 7.82 -6.96
N HIS A 226 -10.50 7.12 -5.84
CA HIS A 226 -10.61 7.76 -4.52
C HIS A 226 -9.22 8.14 -3.95
N GLN A 227 -8.20 8.18 -4.78
CA GLN A 227 -6.82 8.43 -4.30
C GLN A 227 -6.42 9.88 -4.42
N PHE A 228 -5.94 10.43 -3.30
CA PHE A 228 -5.59 11.84 -3.22
C PHE A 228 -4.33 12.01 -2.45
N LEU A 229 -3.90 13.28 -2.39
CA LEU A 229 -2.62 13.60 -1.79
C LEU A 229 -2.73 14.36 -0.47
N LEU A 230 -1.93 13.91 0.48
CA LEU A 230 -1.70 14.72 1.66
C LEU A 230 -0.76 15.90 1.32
N ALA A 231 -0.59 16.83 2.26
CA ALA A 231 0.27 18.00 2.02
C ALA A 231 1.71 17.62 1.84
N ASN A 232 2.11 16.46 2.32
CA ASN A 232 3.42 15.91 2.14
C ASN A 232 3.54 15.05 0.86
N GLN A 233 2.52 15.13 0.02
CA GLN A 233 2.45 14.46 -1.29
C GLN A 233 2.21 12.94 -1.24
N VAL A 234 2.00 12.41 -0.06
CA VAL A 234 1.75 10.98 0.09
C VAL A 234 0.36 10.66 -0.49
N VAL A 235 0.33 9.53 -1.24
CA VAL A 235 -0.89 9.04 -1.85
C VAL A 235 -1.68 8.24 -0.81
N VAL A 236 -2.93 8.64 -0.59
CA VAL A 236 -3.84 8.02 0.35
C VAL A 236 -5.20 7.82 -0.27
N HIS A 237 -5.99 6.99 0.38
CA HIS A 237 -7.41 6.88 0.03
C HIS A 237 -8.22 6.43 1.21
#